data_1XIX
#
_entry.id   1XIX
#
_cell.length_a   42.267
_cell.length_b   101.537
_cell.length_c   46.714
_cell.angle_alpha   90.00
_cell.angle_beta   103.19
_cell.angle_gamma   90.00
#
_symmetry.space_group_name_H-M   'P 1 21 1'
#
loop_
_entity.id
_entity.type
_entity.pdbx_description
1 polymer FemX
2 water water
#
_entity_poly.entity_id   1
_entity_poly.type   'polypeptide(L)'
_entity_poly.pdbx_seq_one_letter_code
;PVLNLNDPQAVERYEEFMRQSPYGQVTQDLGWAKVKNNWEPVDVYLEDDQGAIIAAMSMLLGDTPTDKKFAYASKGPVMD
VTDVDLLDRLVDEAVKALDGRAYVLRFDPEVAYSDEFNTTLQDHGYVTRNRNVADAGMHATIQPRLNMVLDLTKFPDAKT
TLDLYPSKTKSKIKRPFRDGVEVHSGNSATELDEFFKTYTTMAERHGITHRPIEYFQRMQAAFDADTMRIFVAEREGKLL
STGIALKYGRKIWYMYAGSMDGNTYYAPYAVQSEMIQWALDTNTDLYDLGGIESESTDDSLYVFKHVFVKDAPREYIGEI
DKVLDPEVYAELVKD
;
_entity_poly.pdbx_strand_id   A
#
# COMPACT_ATOMS: atom_id res chain seq x y z
N PRO A 1 -0.57 24.09 -8.23
CA PRO A 1 -1.97 24.24 -8.69
C PRO A 1 -2.82 23.05 -8.25
N VAL A 2 -4.13 23.22 -8.29
CA VAL A 2 -5.05 22.15 -7.93
C VAL A 2 -5.51 21.49 -9.22
N LEU A 3 -5.65 20.17 -9.20
CA LEU A 3 -6.07 19.43 -10.39
C LEU A 3 -7.57 19.49 -10.64
N ASN A 4 -7.96 19.86 -11.85
CA ASN A 4 -9.35 19.92 -12.25
C ASN A 4 -9.69 18.51 -12.73
N LEU A 5 -10.37 17.73 -11.89
CA LEU A 5 -10.71 16.37 -12.24
C LEU A 5 -11.60 16.21 -13.46
N ASN A 6 -12.18 17.32 -13.92
CA ASN A 6 -13.05 17.27 -15.09
C ASN A 6 -12.31 17.63 -16.39
N ASP A 7 -11.01 17.85 -16.28
CA ASP A 7 -10.17 18.18 -17.43
C ASP A 7 -9.40 16.90 -17.79
N PRO A 8 -9.86 16.15 -18.80
CA PRO A 8 -9.20 14.91 -19.23
C PRO A 8 -7.70 15.05 -19.47
N GLN A 9 -7.31 16.11 -20.15
CA GLN A 9 -5.90 16.35 -20.45
C GLN A 9 -5.08 16.63 -19.19
N ALA A 10 -5.61 17.44 -18.29
CA ALA A 10 -4.89 17.76 -17.07
C ALA A 10 -4.73 16.46 -16.27
N VAL A 11 -5.82 15.71 -16.17
CA VAL A 11 -5.85 14.44 -15.45
C VAL A 11 -4.79 13.46 -15.97
N GLU A 12 -4.68 13.38 -17.30
CA GLU A 12 -3.71 12.48 -17.91
C GLU A 12 -2.27 12.89 -17.62
N ARG A 13 -2.01 14.20 -17.63
CA ARG A 13 -0.66 14.68 -17.37
C ARG A 13 -0.29 14.35 -15.91
N TYR A 14 -1.27 14.48 -15.03
CA TYR A 14 -1.09 14.18 -13.60
C TYR A 14 -0.77 12.69 -13.44
N GLU A 15 -1.55 11.84 -14.12
CA GLU A 15 -1.37 10.41 -14.06
C GLU A 15 -0.03 9.95 -14.61
N GLU A 16 0.39 10.57 -15.72
CA GLU A 16 1.65 10.18 -16.34
C GLU A 16 2.82 10.47 -15.41
N PHE A 17 2.74 11.56 -14.65
CA PHE A 17 3.80 11.89 -13.70
C PHE A 17 3.82 10.81 -12.61
N MET A 18 2.64 10.46 -12.11
CA MET A 18 2.52 9.45 -11.07
C MET A 18 3.05 8.07 -11.48
N ARG A 19 2.63 7.62 -12.66
CA ARG A 19 3.02 6.31 -13.19
C ARG A 19 4.51 6.17 -13.52
N GLN A 20 5.14 7.28 -13.88
CA GLN A 20 6.55 7.25 -14.24
C GLN A 20 7.50 7.63 -13.12
N SER A 21 6.95 8.10 -12.00
CA SER A 21 7.77 8.50 -10.87
C SER A 21 8.31 7.35 -10.04
N PRO A 22 9.59 7.41 -9.65
CA PRO A 22 10.15 6.33 -8.85
C PRO A 22 9.53 6.32 -7.45
N TYR A 23 8.78 7.38 -7.13
CA TYR A 23 8.11 7.48 -5.84
C TYR A 23 6.62 7.17 -5.97
N GLY A 24 6.20 6.78 -7.18
CA GLY A 24 4.81 6.46 -7.40
C GLY A 24 4.25 5.40 -6.46
N GLN A 25 2.99 5.59 -6.06
CA GLN A 25 2.31 4.69 -5.14
C GLN A 25 0.90 4.43 -5.67
N VAL A 26 0.44 3.20 -5.62
CA VAL A 26 -0.90 2.88 -6.11
C VAL A 26 -1.98 3.66 -5.34
N THR A 27 -1.77 3.85 -4.04
CA THR A 27 -2.73 4.59 -3.21
C THR A 27 -2.72 6.09 -3.47
N GLN A 28 -1.78 6.53 -4.32
CA GLN A 28 -1.69 7.94 -4.68
C GLN A 28 -2.17 8.14 -6.12
N ASP A 29 -2.46 7.04 -6.80
CA ASP A 29 -2.96 7.11 -8.17
C ASP A 29 -4.39 7.63 -8.09
N LEU A 30 -4.83 8.38 -9.10
CA LEU A 30 -6.19 8.91 -9.08
C LEU A 30 -7.21 7.77 -9.08
N GLY A 31 -6.75 6.57 -9.43
CA GLY A 31 -7.64 5.43 -9.45
C GLY A 31 -8.04 5.02 -8.05
N TRP A 32 -7.20 5.35 -7.06
CA TRP A 32 -7.49 5.01 -5.68
C TRP A 32 -8.76 5.72 -5.20
N ALA A 33 -8.98 6.93 -5.72
CA ALA A 33 -10.15 7.71 -5.35
C ALA A 33 -11.41 6.98 -5.82
N LYS A 34 -11.31 6.31 -6.96
CA LYS A 34 -12.45 5.56 -7.50
C LYS A 34 -12.77 4.36 -6.63
N VAL A 35 -11.75 3.83 -5.96
CA VAL A 35 -11.95 2.69 -5.06
C VAL A 35 -12.58 3.23 -3.78
N LYS A 36 -12.00 4.29 -3.23
CA LYS A 36 -12.51 4.94 -2.02
C LYS A 36 -13.58 5.94 -2.46
N ASN A 37 -14.61 5.45 -3.14
CA ASN A 37 -15.66 6.32 -3.64
C ASN A 37 -16.51 7.01 -2.58
N ASN A 38 -16.33 6.65 -1.31
CA ASN A 38 -17.09 7.30 -0.26
C ASN A 38 -16.29 8.45 0.36
N TRP A 39 -15.11 8.71 -0.20
CA TRP A 39 -14.25 9.80 0.27
C TRP A 39 -14.23 10.88 -0.82
N GLU A 40 -13.91 12.12 -0.43
CA GLU A 40 -13.87 13.23 -1.40
C GLU A 40 -12.43 13.48 -1.87
N PRO A 41 -12.20 13.46 -3.19
CA PRO A 41 -10.86 13.68 -3.74
C PRO A 41 -10.50 15.15 -3.98
N VAL A 42 -9.25 15.50 -3.65
CA VAL A 42 -8.71 16.83 -3.87
C VAL A 42 -7.23 16.57 -4.15
N ASP A 43 -6.78 16.94 -5.33
CA ASP A 43 -5.40 16.69 -5.72
C ASP A 43 -4.66 17.95 -6.14
N VAL A 44 -3.38 18.03 -5.76
CA VAL A 44 -2.54 19.18 -6.10
C VAL A 44 -1.17 18.72 -6.61
N TYR A 45 -0.43 19.66 -7.16
CA TYR A 45 0.90 19.35 -7.68
C TYR A 45 1.71 20.63 -7.85
N LEU A 46 2.98 20.47 -8.17
CA LEU A 46 3.88 21.60 -8.39
C LEU A 46 4.57 21.37 -9.72
N GLU A 47 5.01 22.47 -10.34
CA GLU A 47 5.69 22.38 -11.62
C GLU A 47 7.05 23.07 -11.52
N ASP A 48 7.99 22.63 -12.36
CA ASP A 48 9.31 23.23 -12.37
C ASP A 48 9.28 24.48 -13.26
N ASP A 49 10.45 24.93 -13.71
CA ASP A 49 10.52 26.12 -14.55
C ASP A 49 9.99 25.90 -15.96
N GLN A 50 9.99 24.65 -16.42
CA GLN A 50 9.50 24.33 -17.77
C GLN A 50 8.02 23.98 -17.78
N GLY A 51 7.39 24.03 -16.62
CA GLY A 51 5.98 23.71 -16.52
C GLY A 51 5.70 22.22 -16.39
N ALA A 52 6.75 21.45 -16.15
CA ALA A 52 6.62 20.00 -15.99
C ALA A 52 6.39 19.66 -14.52
N ILE A 53 5.46 18.74 -14.26
CA ILE A 53 5.15 18.32 -12.90
C ILE A 53 6.36 17.72 -12.21
N ILE A 54 6.63 18.17 -10.99
CA ILE A 54 7.78 17.68 -10.22
C ILE A 54 7.37 17.08 -8.88
N ALA A 55 6.13 17.32 -8.47
CA ALA A 55 5.64 16.79 -7.20
C ALA A 55 4.11 16.79 -7.20
N ALA A 56 3.52 15.76 -6.58
CA ALA A 56 2.07 15.65 -6.52
C ALA A 56 1.58 14.98 -5.25
N MET A 57 0.36 15.33 -4.84
CA MET A 57 -0.26 14.77 -3.65
C MET A 57 -1.75 14.54 -3.88
N SER A 58 -2.17 13.29 -3.79
CA SER A 58 -3.58 12.93 -3.98
C SER A 58 -4.20 12.79 -2.60
N MET A 59 -5.18 13.64 -2.30
CA MET A 59 -5.84 13.62 -1.00
C MET A 59 -7.24 13.08 -1.07
N LEU A 60 -7.68 12.47 0.02
CA LEU A 60 -9.03 11.95 0.16
C LEU A 60 -9.56 12.52 1.47
N LEU A 61 -10.74 13.12 1.42
CA LEU A 61 -11.34 13.73 2.60
C LEU A 61 -12.44 12.86 3.20
N GLY A 62 -12.31 12.57 4.49
CA GLY A 62 -13.30 11.75 5.17
C GLY A 62 -14.09 12.51 6.23
N ASP A 63 -15.25 11.97 6.58
CA ASP A 63 -16.11 12.59 7.59
C ASP A 63 -15.64 12.25 9.00
N THR A 64 -16.02 13.10 9.95
CA THR A 64 -15.67 12.92 11.35
C THR A 64 -16.90 13.31 12.17
N PRO A 65 -16.84 13.12 13.50
CA PRO A 65 -18.00 13.48 14.33
C PRO A 65 -18.09 15.01 14.52
N THR A 66 -17.19 15.74 13.87
CA THR A 66 -17.17 17.20 13.98
C THR A 66 -17.52 17.84 12.64
N ASP A 67 -17.48 19.17 12.60
CA ASP A 67 -17.79 19.91 11.37
C ASP A 67 -16.60 19.95 10.41
N LYS A 68 -15.51 19.31 10.77
CA LYS A 68 -14.32 19.29 9.91
C LYS A 68 -14.08 17.92 9.28
N LYS A 69 -13.39 17.92 8.16
CA LYS A 69 -13.06 16.69 7.44
C LYS A 69 -11.63 16.26 7.77
N PHE A 70 -11.37 14.98 7.56
CA PHE A 70 -10.05 14.39 7.78
C PHE A 70 -9.44 14.28 6.38
N ALA A 71 -8.35 14.99 6.13
CA ALA A 71 -7.68 14.95 4.81
C ALA A 71 -6.51 13.99 4.89
N TYR A 72 -6.56 12.93 4.08
CA TYR A 72 -5.54 11.88 4.09
C TYR A 72 -4.94 11.57 2.71
N ALA A 73 -3.61 11.61 2.64
CA ALA A 73 -2.88 11.31 1.40
C ALA A 73 -2.10 10.03 1.68
N SER A 74 -2.78 8.90 1.57
CA SER A 74 -2.19 7.59 1.84
C SER A 74 -0.90 7.31 1.08
N LYS A 75 0.17 7.07 1.84
CA LYS A 75 1.49 6.78 1.31
C LYS A 75 2.02 7.84 0.33
N GLY A 76 1.53 9.06 0.48
CA GLY A 76 1.97 10.16 -0.37
C GLY A 76 2.78 11.13 0.48
N PRO A 77 3.26 12.25 -0.07
CA PRO A 77 3.08 12.65 -1.48
C PRO A 77 4.08 11.91 -2.37
N VAL A 78 3.98 12.14 -3.67
CA VAL A 78 4.88 11.52 -4.63
C VAL A 78 5.99 12.52 -4.97
N MET A 79 7.13 12.31 -4.33
CA MET A 79 8.31 13.15 -4.48
C MET A 79 9.28 12.61 -3.42
N ASP A 80 10.42 13.26 -3.28
CA ASP A 80 11.40 12.87 -2.26
C ASP A 80 11.03 13.69 -1.04
N VAL A 81 10.25 13.09 -0.14
CA VAL A 81 9.81 13.81 1.06
C VAL A 81 10.90 14.36 1.96
N THR A 82 12.14 13.86 1.82
CA THR A 82 13.23 14.37 2.66
C THR A 82 13.62 15.77 2.20
N ASP A 83 13.17 16.16 1.02
CA ASP A 83 13.44 17.48 0.48
C ASP A 83 12.34 18.33 1.10
N VAL A 84 12.47 18.58 2.40
CA VAL A 84 11.47 19.31 3.16
C VAL A 84 11.05 20.68 2.63
N ASP A 85 11.96 21.43 2.02
CA ASP A 85 11.57 22.74 1.49
C ASP A 85 10.56 22.58 0.38
N LEU A 86 10.78 21.59 -0.50
CA LEU A 86 9.86 21.33 -1.59
C LEU A 86 8.56 20.79 -0.99
N LEU A 87 8.69 19.95 0.03
CA LEU A 87 7.52 19.38 0.68
C LEU A 87 6.61 20.48 1.20
N ASP A 88 7.17 21.48 1.88
CA ASP A 88 6.39 22.58 2.42
C ASP A 88 5.61 23.28 1.31
N ARG A 89 6.25 23.50 0.16
CA ARG A 89 5.58 24.16 -0.97
C ARG A 89 4.39 23.34 -1.44
N LEU A 90 4.60 22.03 -1.58
CA LEU A 90 3.52 21.15 -2.02
C LEU A 90 2.39 21.16 -1.00
N VAL A 91 2.75 21.06 0.29
CA VAL A 91 1.77 21.07 1.35
C VAL A 91 1.01 22.40 1.40
N ASP A 92 1.71 23.49 1.13
CA ASP A 92 1.05 24.80 1.12
C ASP A 92 0.00 24.82 0.01
N GLU A 93 0.30 24.18 -1.11
CA GLU A 93 -0.66 24.11 -2.22
C GLU A 93 -1.87 23.29 -1.79
N ALA A 94 -1.63 22.18 -1.09
CA ALA A 94 -2.71 21.32 -0.63
C ALA A 94 -3.63 22.03 0.37
N VAL A 95 -3.03 22.76 1.30
CA VAL A 95 -3.79 23.50 2.32
C VAL A 95 -4.68 24.53 1.63
N LYS A 96 -4.15 25.16 0.58
CA LYS A 96 -4.90 26.15 -0.17
C LYS A 96 -6.14 25.48 -0.79
N ALA A 97 -5.93 24.30 -1.38
CA ALA A 97 -7.02 23.58 -2.02
C ALA A 97 -8.05 23.05 -1.02
N LEU A 98 -7.61 22.73 0.20
CA LEU A 98 -8.52 22.23 1.23
C LEU A 98 -9.49 23.34 1.64
N ASP A 99 -9.04 24.58 1.50
CA ASP A 99 -9.84 25.76 1.80
C ASP A 99 -10.51 25.78 3.19
N GLY A 100 -9.77 25.38 4.21
CA GLY A 100 -10.28 25.39 5.57
C GLY A 100 -11.33 24.34 5.92
N ARG A 101 -11.53 23.35 5.06
CA ARG A 101 -12.53 22.33 5.33
C ARG A 101 -12.05 21.15 6.18
N ALA A 102 -10.73 20.99 6.32
CA ALA A 102 -10.19 19.88 7.09
C ALA A 102 -9.50 20.35 8.37
N TYR A 103 -9.47 19.47 9.37
CA TYR A 103 -8.83 19.81 10.64
C TYR A 103 -7.35 19.42 10.60
N VAL A 104 -7.00 18.58 9.63
CA VAL A 104 -5.62 18.14 9.47
C VAL A 104 -5.39 17.54 8.08
N LEU A 105 -4.14 17.59 7.62
CA LEU A 105 -3.75 16.96 6.36
C LEU A 105 -2.67 15.98 6.79
N ARG A 106 -2.97 14.69 6.68
CA ARG A 106 -2.03 13.66 7.07
C ARG A 106 -1.50 12.85 5.89
N PHE A 107 -0.20 12.58 5.91
CA PHE A 107 0.43 11.77 4.87
C PHE A 107 1.46 10.85 5.52
N ASP A 108 1.45 9.59 5.11
CA ASP A 108 2.35 8.58 5.66
C ASP A 108 3.21 7.93 4.56
N PRO A 109 4.20 8.67 4.05
CA PRO A 109 5.10 8.21 2.98
C PRO A 109 5.99 7.03 3.37
N GLU A 110 6.32 6.21 2.37
CA GLU A 110 7.16 5.06 2.59
C GLU A 110 8.63 5.45 2.58
N VAL A 111 9.03 6.27 3.54
CA VAL A 111 10.41 6.71 3.66
C VAL A 111 10.91 6.24 5.03
N ALA A 112 12.18 5.85 5.08
CA ALA A 112 12.76 5.35 6.32
C ALA A 112 12.69 6.31 7.49
N TYR A 113 12.43 5.78 8.67
CA TYR A 113 12.40 6.59 9.88
C TYR A 113 13.86 6.86 10.26
N SER A 114 14.10 8.01 10.89
CA SER A 114 15.42 8.39 11.36
C SER A 114 15.21 9.55 12.33
N ASP A 115 16.05 9.67 13.35
CA ASP A 115 15.89 10.75 14.30
C ASP A 115 16.04 12.12 13.64
N GLU A 116 16.99 12.25 12.73
CA GLU A 116 17.22 13.52 12.05
C GLU A 116 16.02 13.97 11.21
N PHE A 117 15.41 13.03 10.48
CA PHE A 117 14.25 13.38 9.65
C PHE A 117 13.04 13.71 10.54
N ASN A 118 12.84 12.92 11.58
CA ASN A 118 11.71 13.16 12.48
C ASN A 118 11.83 14.55 13.08
N THR A 119 13.05 14.89 13.49
CA THR A 119 13.33 16.20 14.08
C THR A 119 13.10 17.35 13.11
N THR A 120 13.57 17.18 11.87
CA THR A 120 13.38 18.22 10.86
C THR A 120 11.89 18.50 10.66
N LEU A 121 11.11 17.44 10.51
CA LEU A 121 9.67 17.60 10.30
C LEU A 121 9.04 18.40 11.43
N GLN A 122 9.38 18.07 12.67
CA GLN A 122 8.83 18.80 13.81
C GLN A 122 9.31 20.24 13.74
N ASP A 123 10.58 20.44 13.37
CA ASP A 123 11.12 21.79 13.26
C ASP A 123 10.35 22.62 12.24
N HIS A 124 9.79 21.95 11.23
CA HIS A 124 9.02 22.65 10.21
C HIS A 124 7.55 22.80 10.57
N GLY A 125 7.21 22.43 11.81
CA GLY A 125 5.83 22.58 12.24
C GLY A 125 4.88 21.40 12.15
N TYR A 126 5.34 20.27 11.62
CA TYR A 126 4.48 19.09 11.51
C TYR A 126 4.46 18.32 12.82
N VAL A 127 3.41 17.53 13.02
CA VAL A 127 3.31 16.68 14.21
C VAL A 127 3.50 15.25 13.67
N THR A 128 4.51 14.55 14.17
CA THR A 128 4.78 13.21 13.70
C THR A 128 4.29 12.14 14.66
N ARG A 129 3.83 11.03 14.09
CA ARG A 129 3.32 9.91 14.88
C ARG A 129 4.03 8.64 14.44
N ASN A 130 4.97 8.19 15.28
CA ASN A 130 5.72 6.98 15.02
C ASN A 130 6.08 6.26 16.31
N ARG A 131 7.34 6.32 16.71
CA ARG A 131 7.76 5.62 17.94
C ARG A 131 7.11 6.17 19.20
N ASN A 132 6.47 7.33 19.08
CA ASN A 132 5.82 7.98 20.20
C ASN A 132 4.34 7.62 20.38
N VAL A 133 3.85 6.65 19.62
CA VAL A 133 2.44 6.26 19.76
C VAL A 133 2.21 4.75 19.86
N ALA A 134 1.10 4.38 20.49
CA ALA A 134 0.72 2.97 20.70
C ALA A 134 0.82 2.14 19.42
N ASP A 135 1.29 0.89 19.59
CA ASP A 135 1.44 -0.04 18.48
C ASP A 135 0.11 -0.45 17.84
N ALA A 136 -0.92 -0.59 18.67
CA ALA A 136 -2.23 -0.98 18.17
C ALA A 136 -3.34 -0.16 18.81
N GLY A 137 -4.56 -0.34 18.32
CA GLY A 137 -5.69 0.39 18.85
C GLY A 137 -6.08 1.56 17.98
N MET A 138 -7.19 2.22 18.32
CA MET A 138 -7.67 3.37 17.55
C MET A 138 -6.72 4.56 17.58
N HIS A 139 -5.66 4.47 18.39
CA HIS A 139 -4.69 5.55 18.49
C HIS A 139 -3.45 5.23 17.65
N ALA A 140 -3.34 4.00 17.20
CA ALA A 140 -2.21 3.57 16.39
C ALA A 140 -2.30 4.23 15.01
N THR A 141 -1.23 4.10 14.22
CA THR A 141 -1.19 4.67 12.88
C THR A 141 -2.11 3.90 11.93
N ILE A 142 -2.68 4.60 10.96
CA ILE A 142 -3.57 3.96 9.99
C ILE A 142 -2.87 2.82 9.27
N GLN A 143 -1.65 3.06 8.81
CA GLN A 143 -0.87 2.03 8.12
C GLN A 143 0.22 1.53 9.06
N PRO A 144 0.60 0.24 8.95
CA PRO A 144 1.65 -0.24 9.85
C PRO A 144 2.98 0.39 9.42
N ARG A 145 3.80 0.79 10.38
CA ARG A 145 5.09 1.41 10.06
C ARG A 145 6.15 0.38 9.71
N LEU A 146 6.04 -0.82 10.28
CA LEU A 146 6.98 -1.89 10.00
C LEU A 146 6.45 -2.74 8.85
N ASN A 147 7.24 -2.84 7.78
CA ASN A 147 6.84 -3.62 6.62
C ASN A 147 7.91 -4.57 6.12
N MET A 148 7.48 -5.75 5.71
CA MET A 148 8.38 -6.77 5.20
C MET A 148 8.56 -6.59 3.69
N VAL A 149 9.65 -5.92 3.31
CA VAL A 149 9.93 -5.64 1.91
C VAL A 149 11.15 -6.41 1.41
N LEU A 150 10.99 -7.07 0.27
CA LEU A 150 12.07 -7.85 -0.35
C LEU A 150 12.72 -7.03 -1.45
N ASP A 151 14.01 -6.72 -1.29
CA ASP A 151 14.74 -5.92 -2.27
C ASP A 151 15.33 -6.85 -3.34
N LEU A 152 14.64 -6.96 -4.47
CA LEU A 152 15.08 -7.82 -5.55
C LEU A 152 16.35 -7.34 -6.27
N THR A 153 16.73 -6.08 -6.05
CA THR A 153 17.94 -5.56 -6.70
C THR A 153 19.20 -6.17 -6.09
N LYS A 154 19.02 -6.92 -4.99
CA LYS A 154 20.15 -7.57 -4.34
C LYS A 154 20.47 -8.87 -5.07
N PHE A 155 19.57 -9.28 -5.96
CA PHE A 155 19.74 -10.50 -6.75
C PHE A 155 19.50 -10.15 -8.23
N PRO A 156 20.42 -9.36 -8.82
CA PRO A 156 20.29 -8.95 -10.23
C PRO A 156 20.23 -10.07 -11.26
N ASP A 157 20.76 -11.23 -10.91
CA ASP A 157 20.76 -12.38 -11.83
C ASP A 157 19.63 -13.37 -11.59
N ALA A 158 18.81 -13.11 -10.58
CA ALA A 158 17.71 -14.01 -10.25
C ALA A 158 16.76 -14.24 -11.42
N LYS A 159 16.53 -15.50 -11.77
CA LYS A 159 15.64 -15.84 -12.86
C LYS A 159 14.30 -16.28 -12.31
N THR A 160 14.32 -17.01 -11.20
CA THR A 160 13.10 -17.50 -10.57
C THR A 160 13.11 -17.25 -9.06
N THR A 161 11.92 -17.33 -8.48
CA THR A 161 11.73 -17.11 -7.05
C THR A 161 12.71 -17.88 -6.17
N LEU A 162 12.94 -19.14 -6.49
CA LEU A 162 13.84 -19.98 -5.70
C LEU A 162 15.29 -19.47 -5.63
N ASP A 163 15.72 -18.71 -6.63
CA ASP A 163 17.10 -18.18 -6.64
C ASP A 163 17.35 -17.17 -5.51
N LEU A 164 16.30 -16.62 -4.94
CA LEU A 164 16.42 -15.62 -3.88
C LEU A 164 16.53 -16.23 -2.48
N TYR A 165 16.40 -17.54 -2.37
CA TYR A 165 16.39 -18.17 -1.05
C TYR A 165 17.35 -19.30 -0.72
N PRO A 166 17.56 -19.55 0.59
CA PRO A 166 18.45 -20.61 1.09
C PRO A 166 17.70 -21.92 0.95
N SER A 167 18.44 -23.03 0.89
CA SER A 167 17.84 -24.35 0.72
C SER A 167 16.66 -24.68 1.62
N LYS A 168 16.74 -24.30 2.90
CA LYS A 168 15.65 -24.60 3.82
C LYS A 168 14.34 -23.95 3.36
N THR A 169 14.43 -22.77 2.78
CA THR A 169 13.24 -22.06 2.30
C THR A 169 12.82 -22.59 0.94
N LYS A 170 13.79 -23.01 0.13
CA LYS A 170 13.49 -23.55 -1.19
C LYS A 170 12.54 -24.75 -0.98
N SER A 171 12.83 -25.54 0.04
CA SER A 171 12.02 -26.72 0.34
C SER A 171 10.59 -26.34 0.71
N LYS A 172 10.45 -25.33 1.57
CA LYS A 172 9.12 -24.87 1.98
C LYS A 172 8.28 -24.43 0.79
N ILE A 173 8.89 -23.68 -0.13
CA ILE A 173 8.20 -23.19 -1.31
C ILE A 173 7.88 -24.29 -2.32
N LYS A 174 8.78 -25.25 -2.48
CA LYS A 174 8.56 -26.34 -3.43
C LYS A 174 7.43 -27.27 -3.00
N ARG A 175 7.24 -27.42 -1.69
CA ARG A 175 6.24 -28.32 -1.15
C ARG A 175 4.83 -28.23 -1.77
N PRO A 176 4.18 -27.06 -1.72
CA PRO A 176 2.85 -27.02 -2.33
C PRO A 176 2.79 -27.51 -3.78
N PHE A 177 3.74 -27.07 -4.61
CA PHE A 177 3.75 -27.49 -6.00
C PHE A 177 3.98 -29.00 -6.11
N ARG A 178 4.87 -29.51 -5.27
CA ARG A 178 5.17 -30.94 -5.25
C ARG A 178 3.89 -31.72 -4.94
N ASP A 179 3.06 -31.17 -4.05
CA ASP A 179 1.82 -31.82 -3.66
C ASP A 179 0.63 -31.55 -4.59
N GLY A 180 0.90 -31.02 -5.78
CA GLY A 180 -0.17 -30.77 -6.74
C GLY A 180 -0.83 -29.41 -6.82
N VAL A 181 -0.37 -28.44 -6.04
CA VAL A 181 -0.97 -27.11 -6.11
C VAL A 181 -0.58 -26.41 -7.41
N GLU A 182 -1.55 -25.78 -8.06
CA GLU A 182 -1.30 -25.04 -9.30
C GLU A 182 -1.91 -23.66 -9.16
N VAL A 183 -1.23 -22.65 -9.71
CA VAL A 183 -1.73 -21.29 -9.62
C VAL A 183 -1.98 -20.66 -10.99
N HIS A 184 -3.13 -20.01 -11.15
CA HIS A 184 -3.42 -19.30 -12.38
C HIS A 184 -3.66 -17.86 -11.96
N SER A 185 -3.49 -16.90 -12.87
CA SER A 185 -3.69 -15.50 -12.52
C SER A 185 -4.23 -14.65 -13.65
N GLY A 186 -4.83 -13.53 -13.27
CA GLY A 186 -5.40 -12.61 -14.24
C GLY A 186 -6.16 -11.56 -13.47
N ASN A 187 -7.03 -10.83 -14.15
CA ASN A 187 -7.82 -9.81 -13.48
C ASN A 187 -9.23 -9.81 -14.07
N SER A 188 -9.80 -11.00 -14.22
CA SER A 188 -11.15 -11.14 -14.76
C SER A 188 -12.16 -11.25 -13.62
N ALA A 189 -13.44 -11.24 -13.98
CA ALA A 189 -14.50 -11.35 -12.99
C ALA A 189 -14.49 -12.71 -12.31
N THR A 190 -14.10 -13.75 -13.05
CA THR A 190 -14.04 -15.09 -12.49
C THR A 190 -12.96 -15.18 -11.41
N GLU A 191 -11.78 -14.63 -11.68
CA GLU A 191 -10.71 -14.65 -10.69
C GLU A 191 -11.16 -13.90 -9.43
N LEU A 192 -11.90 -12.81 -9.63
CA LEU A 192 -12.39 -12.02 -8.51
C LEU A 192 -13.35 -12.83 -7.64
N ASP A 193 -14.25 -13.59 -8.27
CA ASP A 193 -15.19 -14.40 -7.50
C ASP A 193 -14.44 -15.45 -6.69
N GLU A 194 -13.39 -16.01 -7.28
CA GLU A 194 -12.59 -17.02 -6.60
C GLU A 194 -11.94 -16.39 -5.37
N PHE A 195 -11.36 -15.21 -5.57
CA PHE A 195 -10.75 -14.48 -4.47
C PHE A 195 -11.79 -14.18 -3.38
N PHE A 196 -12.91 -13.59 -3.80
CA PHE A 196 -13.94 -13.21 -2.83
C PHE A 196 -14.43 -14.37 -1.98
N LYS A 197 -14.55 -15.57 -2.57
CA LYS A 197 -15.00 -16.71 -1.78
C LYS A 197 -13.99 -17.06 -0.70
N THR A 198 -12.71 -17.08 -1.05
CA THR A 198 -11.67 -17.42 -0.06
C THR A 198 -11.54 -16.30 0.97
N TYR A 199 -11.70 -15.07 0.50
CA TYR A 199 -11.60 -13.87 1.33
C TYR A 199 -12.69 -13.86 2.41
N THR A 200 -13.93 -14.12 2.01
CA THR A 200 -15.03 -14.13 2.98
C THR A 200 -14.95 -15.34 3.91
N THR A 201 -14.50 -16.48 3.39
CA THR A 201 -14.37 -17.69 4.19
C THR A 201 -13.37 -17.45 5.30
N MET A 202 -12.24 -16.84 4.93
CA MET A 202 -11.17 -16.49 5.84
C MET A 202 -11.70 -15.55 6.93
N ALA A 203 -12.45 -14.54 6.50
CA ALA A 203 -13.03 -13.57 7.43
C ALA A 203 -13.95 -14.24 8.45
N GLU A 204 -14.82 -15.13 7.99
CA GLU A 204 -15.74 -15.82 8.88
C GLU A 204 -14.99 -16.72 9.85
N ARG A 205 -13.95 -17.38 9.36
CA ARG A 205 -13.17 -18.29 10.20
C ARG A 205 -12.49 -17.54 11.35
N HIS A 206 -12.14 -16.28 11.12
CA HIS A 206 -11.48 -15.48 12.15
C HIS A 206 -12.44 -14.51 12.84
N GLY A 207 -13.73 -14.61 12.51
CA GLY A 207 -14.72 -13.74 13.11
C GLY A 207 -14.44 -12.26 12.91
N ILE A 208 -14.03 -11.88 11.70
CA ILE A 208 -13.76 -10.48 11.40
C ILE A 208 -14.59 -10.03 10.21
N THR A 209 -14.72 -8.72 10.04
CA THR A 209 -15.49 -8.17 8.94
C THR A 209 -14.69 -8.33 7.64
N HIS A 210 -15.31 -7.96 6.53
CA HIS A 210 -14.65 -8.03 5.23
C HIS A 210 -15.27 -6.96 4.33
N ARG A 211 -14.48 -6.42 3.40
CA ARG A 211 -15.00 -5.40 2.49
C ARG A 211 -15.96 -6.03 1.48
N PRO A 212 -16.95 -5.26 1.02
CA PRO A 212 -17.92 -5.78 0.05
C PRO A 212 -17.24 -6.03 -1.30
N ILE A 213 -17.80 -6.92 -2.10
CA ILE A 213 -17.20 -7.24 -3.39
C ILE A 213 -17.09 -6.04 -4.33
N GLU A 214 -18.02 -5.10 -4.22
CA GLU A 214 -18.00 -3.92 -5.09
C GLU A 214 -16.71 -3.10 -4.94
N TYR A 215 -16.10 -3.17 -3.76
CA TYR A 215 -14.86 -2.45 -3.49
C TYR A 215 -13.79 -2.97 -4.46
N PHE A 216 -13.74 -4.29 -4.62
CA PHE A 216 -12.77 -4.91 -5.50
C PHE A 216 -13.15 -4.78 -6.97
N GLN A 217 -14.44 -4.63 -7.25
CA GLN A 217 -14.88 -4.46 -8.63
C GLN A 217 -14.44 -3.08 -9.11
N ARG A 218 -14.57 -2.08 -8.23
CA ARG A 218 -14.15 -0.74 -8.57
C ARG A 218 -12.63 -0.74 -8.77
N MET A 219 -11.93 -1.55 -7.98
CA MET A 219 -10.48 -1.64 -8.09
C MET A 219 -10.11 -2.22 -9.46
N GLN A 220 -10.81 -3.27 -9.87
CA GLN A 220 -10.55 -3.92 -11.16
C GLN A 220 -10.82 -2.98 -12.33
N ALA A 221 -11.84 -2.14 -12.21
CA ALA A 221 -12.19 -1.20 -13.27
C ALA A 221 -11.20 -0.04 -13.31
N ALA A 222 -10.60 0.27 -12.17
CA ALA A 222 -9.64 1.37 -12.08
C ALA A 222 -8.23 1.02 -12.55
N PHE A 223 -7.86 -0.25 -12.44
CA PHE A 223 -6.51 -0.67 -12.85
C PHE A 223 -6.54 -1.82 -13.85
N ASP A 224 -5.68 -1.74 -14.86
CA ASP A 224 -5.62 -2.75 -15.90
C ASP A 224 -4.89 -4.03 -15.49
N ALA A 225 -4.94 -5.03 -16.36
CA ALA A 225 -4.34 -6.34 -16.14
C ALA A 225 -2.83 -6.32 -15.94
N ASP A 226 -2.19 -5.20 -16.24
CA ASP A 226 -0.74 -5.10 -16.07
C ASP A 226 -0.44 -4.43 -14.73
N THR A 227 -1.48 -3.91 -14.08
CA THR A 227 -1.31 -3.25 -12.80
C THR A 227 -1.87 -4.08 -11.65
N MET A 228 -3.08 -4.61 -11.84
CA MET A 228 -3.73 -5.43 -10.83
C MET A 228 -3.78 -6.88 -11.28
N ARG A 229 -3.42 -7.80 -10.38
CA ARG A 229 -3.45 -9.21 -10.73
C ARG A 229 -3.88 -10.07 -9.56
N ILE A 230 -4.80 -10.98 -9.83
CA ILE A 230 -5.34 -11.88 -8.82
C ILE A 230 -4.73 -13.27 -9.04
N PHE A 231 -4.16 -13.86 -7.99
CA PHE A 231 -3.55 -15.17 -8.09
C PHE A 231 -4.43 -16.20 -7.36
N VAL A 232 -4.75 -17.28 -8.06
CA VAL A 232 -5.62 -18.32 -7.51
C VAL A 232 -4.92 -19.67 -7.49
N ALA A 233 -4.80 -20.25 -6.29
CA ALA A 233 -4.18 -21.55 -6.10
C ALA A 233 -5.22 -22.63 -5.88
N GLU A 234 -5.10 -23.72 -6.63
CA GLU A 234 -6.03 -24.85 -6.51
C GLU A 234 -5.26 -26.15 -6.59
N ARG A 235 -5.90 -27.24 -6.19
CA ARG A 235 -5.30 -28.56 -6.27
C ARG A 235 -6.37 -29.50 -6.81
N GLU A 236 -6.11 -30.05 -7.99
CA GLU A 236 -7.04 -30.98 -8.64
C GLU A 236 -8.49 -30.51 -8.59
N GLY A 237 -8.72 -29.30 -9.12
CA GLY A 237 -10.06 -28.74 -9.17
C GLY A 237 -10.62 -28.17 -7.87
N LYS A 238 -9.82 -28.13 -6.82
CA LYS A 238 -10.29 -27.62 -5.55
C LYS A 238 -9.64 -26.27 -5.20
N LEU A 239 -10.47 -25.26 -4.97
CA LEU A 239 -9.99 -23.92 -4.63
C LEU A 239 -9.40 -23.91 -3.22
N LEU A 240 -8.16 -23.43 -3.08
CA LEU A 240 -7.49 -23.42 -1.79
C LEU A 240 -7.17 -22.04 -1.21
N SER A 241 -6.44 -21.23 -1.97
CA SER A 241 -6.07 -19.89 -1.50
C SER A 241 -5.91 -18.93 -2.66
N THR A 242 -5.91 -17.63 -2.36
CA THR A 242 -5.75 -16.61 -3.38
C THR A 242 -5.04 -15.39 -2.79
N GLY A 243 -4.69 -14.45 -3.66
CA GLY A 243 -4.03 -13.24 -3.22
C GLY A 243 -4.13 -12.21 -4.31
N ILE A 244 -4.19 -10.93 -3.94
CA ILE A 244 -4.26 -9.85 -4.92
C ILE A 244 -2.99 -9.03 -4.79
N ALA A 245 -2.37 -8.74 -5.93
CA ALA A 245 -1.14 -7.96 -5.95
C ALA A 245 -1.26 -6.80 -6.91
N LEU A 246 -0.68 -5.67 -6.53
CA LEU A 246 -0.68 -4.46 -7.34
C LEU A 246 0.74 -4.04 -7.70
N LYS A 247 0.99 -3.88 -8.99
CA LYS A 247 2.31 -3.47 -9.49
C LYS A 247 2.23 -1.98 -9.81
N TYR A 248 3.02 -1.18 -9.13
CA TYR A 248 3.00 0.27 -9.34
C TYR A 248 4.34 0.87 -8.94
N GLY A 249 4.84 1.79 -9.77
CA GLY A 249 6.12 2.40 -9.45
C GLY A 249 7.23 1.36 -9.39
N ARG A 250 7.99 1.39 -8.30
CA ARG A 250 9.12 0.48 -8.12
C ARG A 250 8.81 -0.80 -7.34
N LYS A 251 7.54 -1.16 -7.19
CA LYS A 251 7.23 -2.36 -6.43
C LYS A 251 5.94 -3.06 -6.81
N ILE A 252 5.85 -4.31 -6.38
CA ILE A 252 4.66 -5.13 -6.56
C ILE A 252 4.25 -5.34 -5.11
N TRP A 253 3.00 -5.03 -4.80
CA TRP A 253 2.48 -5.11 -3.45
C TRP A 253 1.39 -6.15 -3.22
N TYR A 254 1.67 -7.07 -2.31
CA TYR A 254 0.74 -8.14 -1.93
C TYR A 254 -0.23 -7.46 -0.98
N MET A 255 -1.44 -7.16 -1.47
CA MET A 255 -2.44 -6.43 -0.68
C MET A 255 -3.56 -7.18 0.03
N TYR A 256 -4.12 -8.20 -0.61
CA TYR A 256 -5.19 -8.96 -0.01
C TYR A 256 -4.97 -10.46 -0.17
N ALA A 257 -5.59 -11.24 0.71
CA ALA A 257 -5.45 -12.69 0.66
C ALA A 257 -6.65 -13.40 1.24
N GLY A 258 -6.77 -14.69 0.91
CA GLY A 258 -7.86 -15.49 1.40
C GLY A 258 -7.52 -16.97 1.30
N SER A 259 -8.01 -17.76 2.25
CA SER A 259 -7.77 -19.20 2.27
C SER A 259 -9.00 -19.93 2.82
N MET A 260 -9.33 -21.06 2.21
CA MET A 260 -10.47 -21.83 2.65
C MET A 260 -10.15 -22.53 3.97
N ASP A 261 -11.17 -23.18 4.55
CA ASP A 261 -11.03 -23.90 5.81
C ASP A 261 -10.28 -25.22 5.56
N GLY A 262 -9.80 -25.84 6.64
CA GLY A 262 -9.12 -27.11 6.53
C GLY A 262 -7.77 -27.16 5.84
N ASN A 263 -7.51 -28.28 5.17
CA ASN A 263 -6.25 -28.51 4.47
C ASN A 263 -6.06 -27.65 3.23
N THR A 264 -5.01 -26.83 3.22
CA THR A 264 -4.74 -25.96 2.07
C THR A 264 -3.42 -26.31 1.39
N TYR A 265 -2.81 -27.41 1.80
CA TYR A 265 -1.56 -27.88 1.19
C TYR A 265 -0.48 -26.79 1.01
N TYR A 266 -0.41 -25.84 1.94
CA TYR A 266 0.56 -24.74 1.86
C TYR A 266 0.36 -23.86 0.63
N ALA A 267 -0.87 -23.82 0.12
CA ALA A 267 -1.19 -23.01 -1.05
C ALA A 267 -0.74 -21.54 -0.92
N PRO A 268 -0.81 -20.96 0.29
CA PRO A 268 -0.38 -19.56 0.44
C PRO A 268 1.06 -19.35 0.01
N TYR A 269 1.88 -20.39 0.15
CA TYR A 269 3.28 -20.31 -0.24
C TYR A 269 3.43 -20.24 -1.76
N ALA A 270 2.56 -20.97 -2.46
CA ALA A 270 2.60 -20.99 -3.92
C ALA A 270 2.13 -19.64 -4.47
N VAL A 271 1.15 -19.04 -3.79
CA VAL A 271 0.66 -17.75 -4.23
C VAL A 271 1.81 -16.75 -4.15
N GLN A 272 2.52 -16.75 -3.03
CA GLN A 272 3.65 -15.83 -2.85
C GLN A 272 4.73 -16.05 -3.90
N SER A 273 5.06 -17.32 -4.15
CA SER A 273 6.08 -17.65 -5.13
C SER A 273 5.73 -17.05 -6.50
N GLU A 274 4.47 -17.14 -6.89
CA GLU A 274 4.02 -16.62 -8.18
C GLU A 274 4.01 -15.10 -8.27
N MET A 275 3.66 -14.44 -7.17
CA MET A 275 3.65 -12.97 -7.16
C MET A 275 5.10 -12.49 -7.31
N ILE A 276 6.00 -13.14 -6.59
CA ILE A 276 7.41 -12.79 -6.65
C ILE A 276 7.95 -13.01 -8.06
N GLN A 277 7.48 -14.06 -8.73
CA GLN A 277 7.93 -14.36 -10.08
C GLN A 277 7.49 -13.25 -11.04
N TRP A 278 6.33 -12.68 -10.78
CA TRP A 278 5.81 -11.58 -11.60
C TRP A 278 6.73 -10.37 -11.46
N ALA A 279 7.25 -10.16 -10.25
CA ALA A 279 8.15 -9.05 -9.98
C ALA A 279 9.46 -9.25 -10.73
N LEU A 280 9.95 -10.49 -10.73
CA LEU A 280 11.19 -10.79 -11.44
C LEU A 280 11.00 -10.65 -12.95
N ASP A 281 9.89 -11.18 -13.46
CA ASP A 281 9.58 -11.12 -14.89
C ASP A 281 9.40 -9.70 -15.41
N THR A 282 9.04 -8.77 -14.53
CA THR A 282 8.84 -7.39 -14.92
C THR A 282 9.99 -6.49 -14.48
N ASN A 283 11.06 -7.11 -13.97
CA ASN A 283 12.22 -6.36 -13.50
C ASN A 283 11.86 -5.30 -12.46
N THR A 284 10.93 -5.62 -11.57
CA THR A 284 10.51 -4.69 -10.53
C THR A 284 11.54 -4.72 -9.39
N ASP A 285 11.86 -3.56 -8.83
CA ASP A 285 12.85 -3.47 -7.75
C ASP A 285 12.45 -4.10 -6.42
N LEU A 286 11.21 -3.88 -5.99
CA LEU A 286 10.75 -4.40 -4.71
C LEU A 286 9.48 -5.23 -4.72
N TYR A 287 9.38 -6.13 -3.73
CA TYR A 287 8.20 -6.96 -3.53
C TYR A 287 7.84 -6.72 -2.07
N ASP A 288 6.69 -6.12 -1.85
CA ASP A 288 6.22 -5.73 -0.52
C ASP A 288 5.13 -6.65 0.04
N LEU A 289 5.42 -7.33 1.15
CA LEU A 289 4.44 -8.22 1.76
C LEU A 289 3.56 -7.51 2.78
N GLY A 290 3.83 -6.22 2.99
CA GLY A 290 3.00 -5.48 3.93
C GLY A 290 3.50 -5.43 5.35
N GLY A 291 2.66 -4.90 6.23
CA GLY A 291 3.07 -4.76 7.62
C GLY A 291 2.97 -5.92 8.58
N ILE A 292 3.59 -5.72 9.73
CA ILE A 292 3.62 -6.68 10.82
C ILE A 292 3.40 -5.87 12.09
N GLU A 293 2.90 -6.52 13.13
CA GLU A 293 2.64 -5.84 14.40
C GLU A 293 3.97 -5.63 15.12
N SER A 294 4.83 -6.65 15.08
CA SER A 294 6.13 -6.56 15.71
C SER A 294 7.05 -7.63 15.13
N GLU A 295 8.36 -7.37 15.19
CA GLU A 295 9.36 -8.30 14.68
C GLU A 295 9.58 -9.40 15.71
N SER A 296 8.55 -10.23 15.90
CA SER A 296 8.63 -11.32 16.87
C SER A 296 7.90 -12.58 16.41
N THR A 297 8.40 -13.73 16.84
CA THR A 297 7.80 -15.02 16.48
C THR A 297 6.42 -15.14 17.12
N ASP A 298 6.10 -14.19 18.00
CA ASP A 298 4.81 -14.18 18.67
C ASP A 298 3.80 -13.46 17.76
N ASP A 299 4.27 -13.06 16.58
CA ASP A 299 3.43 -12.38 15.60
C ASP A 299 3.25 -13.30 14.41
N SER A 300 2.02 -13.79 14.22
CA SER A 300 1.72 -14.69 13.11
C SER A 300 2.04 -14.07 11.75
N LEU A 301 1.71 -12.79 11.58
CA LEU A 301 1.98 -12.11 10.32
C LEU A 301 3.48 -12.09 10.04
N TYR A 302 4.25 -11.81 11.08
CA TYR A 302 5.71 -11.77 10.95
C TYR A 302 6.25 -13.14 10.56
N VAL A 303 5.81 -14.17 11.28
CA VAL A 303 6.26 -15.54 11.03
C VAL A 303 6.08 -15.94 9.56
N PHE A 304 4.90 -15.74 9.02
CA PHE A 304 4.63 -16.09 7.63
C PHE A 304 5.48 -15.24 6.68
N LYS A 305 5.42 -13.93 6.85
CA LYS A 305 6.17 -13.02 5.99
C LYS A 305 7.67 -13.14 6.11
N HIS A 306 8.16 -13.60 7.26
CA HIS A 306 9.60 -13.76 7.46
C HIS A 306 10.15 -14.91 6.61
N VAL A 307 9.27 -15.79 6.17
CA VAL A 307 9.68 -16.91 5.33
C VAL A 307 10.20 -16.35 4.01
N PHE A 308 9.57 -15.27 3.53
CA PHE A 308 9.96 -14.66 2.27
C PHE A 308 10.87 -13.44 2.40
N VAL A 309 10.94 -12.87 3.60
CA VAL A 309 11.78 -11.70 3.82
C VAL A 309 12.65 -11.95 5.04
N LYS A 310 13.93 -12.26 4.80
CA LYS A 310 14.85 -12.53 5.89
C LYS A 310 15.52 -11.27 6.41
N ASP A 311 15.57 -10.23 5.58
CA ASP A 311 16.17 -8.97 6.02
C ASP A 311 15.26 -8.31 7.04
N ALA A 312 15.81 -7.37 7.80
CA ALA A 312 15.03 -6.67 8.80
C ALA A 312 13.87 -5.94 8.14
N PRO A 313 12.73 -5.82 8.84
CA PRO A 313 11.57 -5.13 8.29
C PRO A 313 11.93 -3.66 8.10
N ARG A 314 11.34 -3.01 7.10
CA ARG A 314 11.59 -1.59 6.90
C ARG A 314 10.70 -0.83 7.88
N GLU A 315 11.25 0.23 8.50
CA GLU A 315 10.47 1.04 9.44
C GLU A 315 10.32 2.43 8.86
N TYR A 316 9.09 2.84 8.57
CA TYR A 316 8.83 4.16 7.99
C TYR A 316 8.66 5.25 9.03
N ILE A 317 8.74 6.50 8.57
CA ILE A 317 8.62 7.68 9.41
C ILE A 317 7.25 7.75 10.09
N GLY A 318 6.26 7.08 9.52
CA GLY A 318 4.93 7.10 10.12
C GLY A 318 4.05 8.22 9.58
N GLU A 319 3.15 8.71 10.42
CA GLU A 319 2.23 9.77 10.01
C GLU A 319 2.77 11.18 10.26
N ILE A 320 2.69 12.02 9.23
CA ILE A 320 3.14 13.40 9.30
C ILE A 320 1.86 14.24 9.23
N ASP A 321 1.56 14.95 10.32
CA ASP A 321 0.35 15.75 10.39
C ASP A 321 0.54 17.26 10.31
N LYS A 322 -0.09 17.87 9.31
CA LYS A 322 -0.08 19.32 9.14
C LYS A 322 -1.36 19.73 9.86
N VAL A 323 -1.25 20.18 11.10
CA VAL A 323 -2.41 20.57 11.89
C VAL A 323 -3.01 21.87 11.36
N LEU A 324 -4.32 21.82 11.05
CA LEU A 324 -5.02 22.97 10.53
C LEU A 324 -6.01 23.55 11.55
N ASP A 325 -6.70 22.69 12.28
CA ASP A 325 -7.64 23.10 13.33
C ASP A 325 -7.18 22.39 14.61
N PRO A 326 -6.41 23.11 15.45
CA PRO A 326 -5.84 22.63 16.71
C PRO A 326 -6.83 22.04 17.71
N GLU A 327 -7.95 22.72 17.91
CA GLU A 327 -8.95 22.24 18.85
C GLU A 327 -9.50 20.88 18.43
N VAL A 328 -9.92 20.77 17.17
CA VAL A 328 -10.45 19.51 16.69
C VAL A 328 -9.38 18.42 16.64
N TYR A 329 -8.15 18.79 16.30
CA TYR A 329 -7.06 17.81 16.24
C TYR A 329 -6.85 17.19 17.62
N ALA A 330 -6.86 18.02 18.66
CA ALA A 330 -6.67 17.54 20.03
C ALA A 330 -7.80 16.62 20.46
N GLU A 331 -9.00 16.90 19.98
CA GLU A 331 -10.17 16.10 20.33
C GLU A 331 -10.12 14.70 19.68
N LEU A 332 -9.80 14.68 18.39
CA LEU A 332 -9.78 13.43 17.63
C LEU A 332 -8.46 12.67 17.49
N VAL A 333 -7.35 13.29 17.88
CA VAL A 333 -6.06 12.62 17.75
C VAL A 333 -5.28 12.65 19.05
N LYS A 334 -4.92 11.47 19.54
CA LYS A 334 -4.15 11.36 20.78
C LYS A 334 -3.09 10.27 20.66
N ASP A 335 -2.01 10.41 21.43
CA ASP A 335 -0.94 9.43 21.41
C ASP A 335 -1.45 8.08 21.93
#